data_5YA5
#
_entry.id   5YA5
#
_cell.length_a   42.360
_cell.length_b   47.340
_cell.length_c   158.690
_cell.angle_alpha   90.000
_cell.angle_beta   90.000
_cell.angle_gamma   90.000
#
_symmetry.space_group_name_H-M   'P 21 21 21'
#
loop_
_entity.id
_entity.type
_entity.pdbx_description
1 polymer 'Hepatocyte growth factor receptor'
2 non-polymer 2-[3-(4-methoxybenzyl)[1,2,4]triazolo[3,4-b][1,3,4]thiadiazol-6-yl]-1H-indole
3 water water
#
_entity_poly.entity_id   1
_entity_poly.type   'polypeptide(L)'
_entity_poly.pdbx_seq_one_letter_code
;MGSSHHHHHHGDSDISSPLLQNTVHIDLSALNPELVQAVQHVVIGPSSLIVHFNEVIGRGHFGCVYHGTLLDNDGKKIHC
AVKSLNRITDIGEVSQFLTEGIIMKDFSHPNVLSLLGICLRSEGSPLVVLPYMKHGDLRNFIRNETHNPTVKDLIGFGLQ
VAKGMKYLASKKFVHRDLAARNCMLDEKFTVKVADFGLARDMYDKEYYSVHNKTGAKLPVKWMALESLQTQKFTTKSDVW
SFGVLLWELMTRGAPPYPDVNTFDITVYLLQGRRLLQPEYCPDPLYEVMLKCWHPKAEMRPSFSELVSRISAIFSTFIG
;
_entity_poly.pdbx_strand_id   A
#
loop_
_chem_comp.id
_chem_comp.type
_chem_comp.name
_chem_comp.formula
6TD non-polymer 2-[3-(4-methoxybenzyl)[1,2,4]triazolo[3,4-b][1,3,4]thiadiazol-6-yl]-1H-indole 'C19 H15 N5 O S'
#
# COMPACT_ATOMS: atom_id res chain seq x y z
N ALA A 30 -13.38 -26.62 -18.75
CA ALA A 30 -12.09 -27.08 -18.28
C ALA A 30 -11.78 -26.44 -16.94
N LEU A 31 -12.74 -25.65 -16.45
CA LEU A 31 -12.60 -24.95 -15.19
C LEU A 31 -13.06 -25.85 -14.05
N ASN A 32 -12.38 -25.74 -12.90
CA ASN A 32 -12.85 -26.40 -11.69
C ASN A 32 -14.22 -25.88 -11.33
N PRO A 33 -15.24 -26.77 -11.33
CA PRO A 33 -16.63 -26.39 -11.03
C PRO A 33 -16.78 -25.81 -9.62
N GLU A 34 -15.89 -26.21 -8.72
CA GLU A 34 -15.90 -25.70 -7.36
C GLU A 34 -15.48 -24.23 -7.34
N LEU A 35 -14.47 -23.92 -8.15
CA LEU A 35 -14.00 -22.55 -8.30
C LEU A 35 -15.08 -21.69 -8.93
N VAL A 36 -15.84 -22.29 -9.85
CA VAL A 36 -16.89 -21.58 -10.57
C VAL A 36 -17.96 -21.05 -9.65
N GLN A 37 -18.52 -21.91 -8.81
CA GLN A 37 -19.63 -21.47 -7.97
C GLN A 37 -19.13 -20.68 -6.75
N ALA A 38 -17.83 -20.77 -6.49
CA ALA A 38 -17.21 -20.03 -5.38
C ALA A 38 -17.11 -18.54 -5.71
N VAL A 39 -16.90 -18.22 -6.99
CA VAL A 39 -16.65 -16.84 -7.39
C VAL A 39 -17.90 -16.03 -7.74
N GLN A 40 -19.05 -16.70 -7.76
CA GLN A 40 -20.31 -16.04 -8.16
C GLN A 40 -20.61 -14.78 -7.37
N HIS A 41 -20.25 -14.76 -6.10
CA HIS A 41 -20.53 -13.61 -5.24
C HIS A 41 -19.60 -12.42 -5.55
N VAL A 42 -18.65 -12.65 -6.44
CA VAL A 42 -17.64 -11.66 -6.79
C VAL A 42 -17.75 -11.23 -8.24
N VAL A 43 -18.36 -12.08 -9.06
CA VAL A 43 -18.46 -11.80 -10.48
C VAL A 43 -19.47 -10.67 -10.75
N ILE A 44 -19.09 -9.75 -11.64
CA ILE A 44 -19.99 -8.69 -12.10
C ILE A 44 -20.42 -8.95 -13.54
N GLY A 45 -21.73 -8.99 -13.77
CA GLY A 45 -22.27 -9.19 -15.10
C GLY A 45 -21.96 -8.03 -16.03
N PRO A 46 -21.48 -8.34 -17.25
CA PRO A 46 -21.13 -7.35 -18.28
C PRO A 46 -22.25 -6.36 -18.59
N SER A 47 -23.49 -6.77 -18.35
CA SER A 47 -24.63 -5.88 -18.55
C SER A 47 -24.72 -4.83 -17.44
N SER A 48 -23.90 -5.00 -16.40
CA SER A 48 -23.96 -4.09 -15.25
C SER A 48 -22.75 -3.16 -15.12
N LEU A 49 -21.81 -3.27 -16.06
CA LEU A 49 -20.60 -2.46 -16.00
C LEU A 49 -20.27 -1.78 -17.32
N ILE A 50 -20.21 -0.46 -17.30
CA ILE A 50 -19.71 0.29 -18.45
C ILE A 50 -18.30 0.77 -18.18
N VAL A 51 -17.36 0.36 -19.02
CA VAL A 51 -15.98 0.80 -18.90
C VAL A 51 -15.71 1.89 -19.94
N HIS A 52 -15.23 3.04 -19.47
CA HIS A 52 -14.96 4.17 -20.35
C HIS A 52 -13.51 4.16 -20.82
N PHE A 53 -13.21 3.30 -21.79
CA PHE A 53 -11.84 3.12 -22.26
C PHE A 53 -11.19 4.36 -22.86
N ASN A 54 -12.00 5.39 -23.13
CA ASN A 54 -11.50 6.60 -23.77
C ASN A 54 -10.76 7.55 -22.82
N GLU A 55 -10.81 7.26 -21.53
CA GLU A 55 -10.16 8.09 -20.53
C GLU A 55 -9.20 7.28 -19.66
N VAL A 56 -7.92 7.32 -20.03
CA VAL A 56 -6.88 6.61 -19.31
C VAL A 56 -6.51 7.39 -18.04
N ILE A 57 -6.75 6.79 -16.88
CA ILE A 57 -6.39 7.45 -15.63
C ILE A 57 -5.11 6.90 -15.00
N GLY A 58 -4.75 5.68 -15.38
CA GLY A 58 -3.51 5.11 -14.92
C GLY A 58 -2.98 4.07 -15.86
N ARG A 59 -1.67 4.11 -16.09
CA ARG A 59 -0.98 3.08 -16.85
C ARG A 59 -0.04 2.34 -15.90
N GLY A 60 -0.19 1.03 -15.81
CA GLY A 60 0.69 0.22 -14.99
C GLY A 60 1.43 -0.80 -15.83
N HIS A 61 2.40 -1.47 -15.22
CA HIS A 61 3.13 -2.52 -15.90
C HIS A 61 2.21 -3.70 -16.19
N PHE A 62 1.25 -3.93 -15.29
CA PHE A 62 0.36 -5.07 -15.38
C PHE A 62 -1.01 -4.74 -15.99
N GLY A 63 -1.22 -3.49 -16.38
CA GLY A 63 -2.49 -3.08 -16.95
C GLY A 63 -2.84 -1.61 -16.78
N CYS A 64 -3.86 -1.16 -17.49
CA CYS A 64 -4.29 0.24 -17.42
C CYS A 64 -5.55 0.40 -16.57
N VAL A 65 -5.68 1.53 -15.89
CA VAL A 65 -6.88 1.81 -15.14
C VAL A 65 -7.74 2.81 -15.93
N TYR A 66 -9.07 2.62 -15.91
CA TYR A 66 -9.98 3.48 -16.66
C TYR A 66 -11.15 3.86 -15.77
N HIS A 67 -11.84 4.95 -16.11
CA HIS A 67 -13.08 5.28 -15.44
C HIS A 67 -14.13 4.23 -15.76
N GLY A 68 -15.08 4.03 -14.85
CA GLY A 68 -16.15 3.07 -15.07
C GLY A 68 -17.45 3.39 -14.37
N THR A 69 -18.55 2.83 -14.88
CA THR A 69 -19.86 2.97 -14.25
C THR A 69 -20.43 1.60 -13.87
N LEU A 70 -20.87 1.48 -12.63
CA LEU A 70 -21.38 0.22 -12.13
C LEU A 70 -22.88 0.30 -11.87
N LEU A 71 -23.61 -0.73 -12.29
CA LEU A 71 -25.06 -0.80 -12.06
C LEU A 71 -25.40 -1.83 -10.99
N LYS A 76 -29.22 1.84 -9.41
CA LYS A 76 -28.36 3.00 -9.12
C LYS A 76 -27.08 2.95 -9.94
N LYS A 77 -26.38 4.08 -10.03
CA LYS A 77 -25.12 4.16 -10.76
C LYS A 77 -23.95 4.41 -9.81
N ILE A 78 -22.87 3.65 -10.00
CA ILE A 78 -21.70 3.75 -9.13
C ILE A 78 -20.44 4.01 -9.95
N HIS A 79 -19.75 5.11 -9.63
CA HIS A 79 -18.53 5.47 -10.33
C HIS A 79 -17.34 4.69 -9.78
N CYS A 80 -16.52 4.13 -10.66
CA CYS A 80 -15.44 3.26 -10.22
C CYS A 80 -14.20 3.35 -11.09
N ALA A 81 -13.13 2.74 -10.62
CA ALA A 81 -11.91 2.59 -11.41
C ALA A 81 -11.86 1.15 -11.90
N VAL A 82 -11.58 0.97 -13.18
CA VAL A 82 -11.50 -0.37 -13.76
C VAL A 82 -10.10 -0.63 -14.29
N LYS A 83 -9.43 -1.65 -13.75
CA LYS A 83 -8.12 -2.05 -14.25
C LYS A 83 -8.23 -3.22 -15.21
N SER A 84 -7.59 -3.07 -16.37
CA SER A 84 -7.61 -4.09 -17.41
C SER A 84 -6.26 -4.77 -17.55
N LEU A 85 -6.19 -6.02 -17.11
CA LEU A 85 -4.92 -6.76 -17.09
C LEU A 85 -4.50 -7.26 -18.48
N ASN A 86 -3.19 -7.48 -18.66
CA ASN A 86 -2.65 -8.00 -19.91
C ASN A 86 -2.99 -9.49 -20.09
N ARG A 87 -2.97 -9.95 -21.34
CA ARG A 87 -3.16 -11.38 -21.68
C ARG A 87 -4.44 -11.99 -21.12
N SER A 95 -6.29 -17.82 -16.00
CA SER A 95 -7.72 -17.54 -15.81
C SER A 95 -8.19 -17.99 -14.42
N GLN A 96 -7.80 -19.21 -14.04
CA GLN A 96 -8.19 -19.75 -12.74
C GLN A 96 -7.54 -18.92 -11.63
N PHE A 97 -6.32 -18.46 -11.86
CA PHE A 97 -5.62 -17.64 -10.87
C PHE A 97 -6.27 -16.26 -10.73
N LEU A 98 -6.89 -15.79 -11.82
CA LEU A 98 -7.62 -14.52 -11.76
C LEU A 98 -8.82 -14.68 -10.86
N THR A 99 -9.60 -15.72 -11.12
CA THR A 99 -10.83 -15.96 -10.39
C THR A 99 -10.52 -16.31 -8.93
N GLU A 100 -9.37 -16.94 -8.70
CA GLU A 100 -8.93 -17.24 -7.35
C GLU A 100 -8.63 -15.97 -6.56
N GLY A 101 -8.11 -14.96 -7.26
CA GLY A 101 -7.93 -13.62 -6.71
C GLY A 101 -9.03 -13.11 -5.76
N ILE A 102 -10.23 -13.68 -5.83
CA ILE A 102 -11.33 -13.40 -4.89
C ILE A 102 -11.05 -13.67 -3.40
N ILE A 103 -9.82 -14.01 -3.05
CA ILE A 103 -9.42 -13.87 -1.67
C ILE A 103 -9.52 -12.37 -1.38
N MET A 104 -9.37 -11.57 -2.42
CA MET A 104 -9.44 -10.12 -2.33
C MET A 104 -10.84 -9.63 -1.96
N LYS A 105 -11.86 -10.31 -2.46
CA LYS A 105 -13.23 -9.94 -2.17
C LYS A 105 -13.52 -10.08 -0.67
N ASP A 106 -12.85 -11.03 -0.02
CA ASP A 106 -13.09 -11.28 1.40
C ASP A 106 -12.35 -10.32 2.33
N PHE A 107 -11.61 -9.37 1.77
CA PHE A 107 -10.98 -8.29 2.55
C PHE A 107 -11.88 -7.06 2.59
N SER A 108 -12.49 -6.79 3.73
CA SER A 108 -13.33 -5.60 3.87
C SER A 108 -13.01 -4.78 5.13
N HIS A 109 -12.46 -3.59 4.91
CA HIS A 109 -12.07 -2.70 6.00
C HIS A 109 -12.02 -1.28 5.48
N PRO A 110 -12.45 -0.31 6.31
CA PRO A 110 -12.47 1.13 5.98
C PRO A 110 -11.14 1.66 5.45
N ASN A 111 -10.05 1.06 5.91
CA ASN A 111 -8.71 1.52 5.51
C ASN A 111 -7.99 0.55 4.60
N VAL A 112 -8.75 -0.26 3.87
CA VAL A 112 -8.17 -1.16 2.88
C VAL A 112 -8.96 -1.02 1.57
N LEU A 113 -8.27 -0.95 0.44
CA LEU A 113 -8.94 -0.87 -0.85
C LEU A 113 -9.82 -2.10 -1.04
N SER A 114 -11.12 -1.87 -1.22
CA SER A 114 -12.05 -2.98 -1.44
C SER A 114 -12.07 -3.42 -2.90
N LEU A 115 -12.52 -4.64 -3.11
CA LEU A 115 -12.75 -5.12 -4.46
C LEU A 115 -14.26 -5.08 -4.66
N LEU A 116 -14.71 -4.32 -5.66
CA LEU A 116 -16.14 -4.22 -5.92
C LEU A 116 -16.64 -5.49 -6.61
N GLY A 117 -15.84 -5.98 -7.54
CA GLY A 117 -16.14 -7.20 -8.25
C GLY A 117 -15.14 -7.42 -9.36
N ILE A 118 -15.31 -8.50 -10.12
CA ILE A 118 -14.48 -8.78 -11.28
C ILE A 118 -15.39 -9.15 -12.47
N CYS A 119 -14.87 -9.02 -13.68
CA CYS A 119 -15.68 -9.26 -14.87
C CYS A 119 -14.81 -9.80 -15.99
N SER A 125 -10.14 -10.08 -21.63
CA SER A 125 -9.39 -9.16 -20.78
C SER A 125 -9.97 -9.17 -19.37
N PRO A 126 -9.16 -9.59 -18.39
CA PRO A 126 -9.64 -9.62 -17.00
C PRO A 126 -9.87 -8.20 -16.49
N LEU A 127 -11.06 -7.91 -15.98
CA LEU A 127 -11.40 -6.58 -15.47
C LEU A 127 -11.45 -6.55 -13.97
N VAL A 128 -10.60 -5.71 -13.37
CA VAL A 128 -10.58 -5.53 -11.92
C VAL A 128 -11.36 -4.26 -11.58
N VAL A 129 -12.50 -4.42 -10.92
CA VAL A 129 -13.37 -3.30 -10.60
C VAL A 129 -13.16 -2.80 -9.16
N LEU A 130 -12.58 -1.61 -9.07
CA LEU A 130 -12.16 -0.99 -7.81
C LEU A 130 -12.92 0.32 -7.51
N PRO A 131 -13.07 0.65 -6.23
CA PRO A 131 -13.72 1.94 -5.93
C PRO A 131 -12.87 3.10 -6.41
N TYR A 132 -13.53 4.16 -6.87
CA TYR A 132 -12.78 5.29 -7.40
C TYR A 132 -12.09 6.02 -6.24
N MET A 133 -10.81 6.32 -6.42
CA MET A 133 -10.05 7.02 -5.39
C MET A 133 -9.76 8.43 -5.88
N LYS A 134 -10.60 9.37 -5.47
CA LYS A 134 -10.57 10.75 -5.98
C LYS A 134 -9.22 11.42 -5.83
N HIS A 135 -8.54 11.16 -4.72
CA HIS A 135 -7.33 11.92 -4.42
C HIS A 135 -6.02 11.18 -4.68
N GLY A 136 -6.11 10.08 -5.41
CA GLY A 136 -4.93 9.43 -5.96
C GLY A 136 -4.08 8.80 -4.89
N ASP A 137 -2.81 8.61 -5.18
CA ASP A 137 -1.92 7.94 -4.23
C ASP A 137 -1.49 8.92 -3.14
N LEU A 138 -1.22 8.37 -1.97
CA LEU A 138 -0.93 9.18 -0.79
C LEU A 138 0.35 10.01 -0.96
N ARG A 139 1.36 9.45 -1.64
CA ARG A 139 2.61 10.20 -1.75
C ARG A 139 2.43 11.44 -2.61
N ASN A 140 1.80 11.28 -3.77
CA ASN A 140 1.54 12.44 -4.62
C ASN A 140 0.68 13.46 -3.89
N PHE A 141 -0.29 12.99 -3.10
CA PHE A 141 -1.18 13.89 -2.37
C PHE A 141 -0.45 14.77 -1.36
N ILE A 142 0.46 14.19 -0.58
CA ILE A 142 1.17 14.97 0.43
C ILE A 142 2.24 15.87 -0.17
N ARG A 143 2.70 15.51 -1.36
CA ARG A 143 3.71 16.29 -2.06
C ARG A 143 3.08 17.49 -2.75
N ASN A 144 1.76 17.46 -2.90
CA ASN A 144 1.05 18.49 -3.64
C ASN A 144 1.00 19.78 -2.84
N GLU A 145 1.72 20.80 -3.33
CA GLU A 145 1.85 22.07 -2.62
C GLU A 145 0.53 22.81 -2.39
N THR A 146 -0.48 22.52 -3.23
CA THR A 146 -1.77 23.17 -3.10
C THR A 146 -2.55 22.65 -1.91
N HIS A 147 -2.22 21.43 -1.47
CA HIS A 147 -2.82 20.85 -0.27
C HIS A 147 -2.05 21.27 0.96
N ASN A 148 -2.76 21.48 2.06
CA ASN A 148 -2.09 21.90 3.29
C ASN A 148 -2.44 21.07 4.52
N PRO A 149 -2.10 19.77 4.50
CA PRO A 149 -2.37 18.95 5.69
C PRO A 149 -1.53 19.38 6.88
N THR A 150 -2.15 19.37 8.06
CA THR A 150 -1.43 19.71 9.29
C THR A 150 -0.64 18.52 9.79
N VAL A 151 0.15 18.72 10.84
CA VAL A 151 0.88 17.59 11.43
C VAL A 151 -0.11 16.55 11.95
N LYS A 152 -1.16 17.01 12.62
CA LYS A 152 -2.20 16.10 13.09
C LYS A 152 -2.80 15.29 11.94
N ASP A 153 -3.07 15.95 10.80
CA ASP A 153 -3.61 15.28 9.62
C ASP A 153 -2.68 14.19 9.10
N LEU A 154 -1.39 14.51 9.04
CA LEU A 154 -0.40 13.55 8.56
C LEU A 154 -0.31 12.34 9.48
N ILE A 155 -0.31 12.58 10.78
CA ILE A 155 -0.30 11.50 11.76
C ILE A 155 -1.58 10.67 11.61
N GLY A 156 -2.68 11.36 11.32
CA GLY A 156 -3.96 10.70 11.07
C GLY A 156 -3.91 9.76 9.89
N PHE A 157 -3.27 10.19 8.80
CA PHE A 157 -3.06 9.33 7.64
C PHE A 157 -2.28 8.06 8.03
N GLY A 158 -1.27 8.22 8.88
CA GLY A 158 -0.47 7.07 9.28
C GLY A 158 -1.26 6.14 10.19
N LEU A 159 -2.09 6.71 11.05
CA LEU A 159 -2.92 5.91 11.94
C LEU A 159 -3.87 5.09 11.08
N GLN A 160 -4.43 5.71 10.04
CA GLN A 160 -5.28 4.97 9.10
C GLN A 160 -4.58 3.80 8.40
N VAL A 161 -3.35 4.03 7.94
CA VAL A 161 -2.56 2.96 7.33
C VAL A 161 -2.30 1.85 8.35
N ALA A 162 -2.04 2.24 9.60
CA ALA A 162 -1.81 1.25 10.65
C ALA A 162 -3.03 0.37 10.88
N LYS A 163 -4.21 0.98 10.84
CA LYS A 163 -5.44 0.21 11.04
C LYS A 163 -5.71 -0.74 9.87
N GLY A 164 -5.43 -0.27 8.66
CA GLY A 164 -5.57 -1.11 7.48
C GLY A 164 -4.63 -2.31 7.52
N MET A 165 -3.38 -2.07 7.95
CA MET A 165 -2.40 -3.14 8.07
C MET A 165 -2.71 -4.08 9.22
N LYS A 166 -3.23 -3.53 10.32
CA LYS A 166 -3.64 -4.35 11.45
C LYS A 166 -4.68 -5.35 10.94
N TYR A 167 -5.61 -4.86 10.11
CA TYR A 167 -6.64 -5.72 9.53
C TYR A 167 -6.00 -6.77 8.61
N LEU A 168 -5.19 -6.33 7.66
CA LEU A 168 -4.52 -7.26 6.76
C LEU A 168 -3.67 -8.30 7.49
N ALA A 169 -2.87 -7.85 8.47
CA ALA A 169 -2.07 -8.76 9.28
C ALA A 169 -2.93 -9.83 9.99
N SER A 170 -4.12 -9.44 10.47
CA SER A 170 -4.98 -10.38 11.20
C SER A 170 -5.52 -11.48 10.28
N LYS A 171 -5.47 -11.23 8.97
CA LYS A 171 -5.86 -12.20 7.95
C LYS A 171 -4.64 -12.94 7.42
N LYS A 172 -3.52 -12.75 8.10
CA LYS A 172 -2.24 -13.35 7.72
C LYS A 172 -1.78 -12.94 6.32
N PHE A 173 -2.19 -11.76 5.89
CA PHE A 173 -1.77 -11.23 4.59
C PHE A 173 -0.53 -10.35 4.75
N VAL A 174 0.55 -10.69 4.04
CA VAL A 174 1.77 -9.87 4.02
C VAL A 174 1.74 -9.02 2.77
N HIS A 175 1.90 -7.70 2.92
CA HIS A 175 1.80 -6.81 1.78
C HIS A 175 3.01 -6.88 0.85
N ARG A 176 4.21 -6.82 1.43
CA ARG A 176 5.51 -6.85 0.72
C ARG A 176 5.92 -5.55 0.00
N ASP A 177 5.01 -4.59 -0.17
CA ASP A 177 5.40 -3.34 -0.81
C ASP A 177 4.63 -2.17 -0.22
N LEU A 178 4.60 -2.08 1.10
CA LEU A 178 3.93 -0.96 1.74
C LEU A 178 4.80 0.28 1.55
N ALA A 179 4.20 1.35 1.06
CA ALA A 179 4.87 2.64 0.82
C ALA A 179 3.77 3.65 0.62
N ALA A 180 4.07 4.93 0.81
CA ALA A 180 3.05 5.97 0.59
C ALA A 180 2.53 5.95 -0.85
N ARG A 181 3.39 5.58 -1.81
CA ARG A 181 2.96 5.52 -3.22
C ARG A 181 1.90 4.45 -3.43
N ASN A 182 1.83 3.49 -2.50
CA ASN A 182 0.92 2.35 -2.63
C ASN A 182 -0.31 2.39 -1.72
N CYS A 183 -0.57 3.57 -1.15
CA CYS A 183 -1.82 3.84 -0.45
C CYS A 183 -2.59 4.89 -1.23
N MET A 184 -3.92 4.87 -1.14
CA MET A 184 -4.76 5.82 -1.88
C MET A 184 -5.71 6.58 -0.98
N LEU A 185 -6.21 7.72 -1.47
CA LEU A 185 -7.13 8.53 -0.72
C LEU A 185 -8.44 8.68 -1.48
N ASP A 186 -9.56 8.51 -0.78
CA ASP A 186 -10.86 8.75 -1.40
C ASP A 186 -11.35 10.19 -1.21
N GLU A 187 -12.59 10.44 -1.63
CA GLU A 187 -13.20 11.76 -1.60
C GLU A 187 -13.35 12.34 -0.19
N LYS A 188 -13.40 11.46 0.82
CA LYS A 188 -13.48 11.90 2.21
C LYS A 188 -12.10 11.84 2.86
N PHE A 189 -11.06 11.75 2.04
CA PHE A 189 -9.69 11.71 2.53
C PHE A 189 -9.46 10.52 3.45
N THR A 190 -10.19 9.44 3.20
CA THR A 190 -9.93 8.19 3.88
C THR A 190 -8.79 7.48 3.16
N VAL A 191 -7.78 7.10 3.94
CA VAL A 191 -6.63 6.38 3.40
C VAL A 191 -6.90 4.88 3.29
N LYS A 192 -6.60 4.31 2.13
CA LYS A 192 -6.78 2.89 1.89
C LYS A 192 -5.45 2.27 1.52
N VAL A 193 -5.02 1.28 2.29
CA VAL A 193 -3.87 0.50 1.89
C VAL A 193 -4.29 -0.15 0.58
N ALA A 194 -3.44 -0.03 -0.44
CA ALA A 194 -3.84 -0.53 -1.74
C ALA A 194 -2.73 -1.37 -2.34
N ASP A 195 -2.67 -1.44 -3.66
CA ASP A 195 -1.58 -2.10 -4.34
C ASP A 195 -1.41 -3.55 -3.84
N PHE A 196 -2.51 -4.30 -3.81
CA PHE A 196 -2.42 -5.71 -3.43
C PHE A 196 -3.42 -6.54 -4.22
N GLY A 197 -3.22 -7.84 -4.22
CA GLY A 197 -4.09 -8.74 -4.96
C GLY A 197 -4.06 -8.40 -6.44
N LEU A 198 -5.25 -8.29 -7.02
CA LEU A 198 -5.37 -8.01 -8.45
C LEU A 198 -4.98 -6.57 -8.82
N ALA A 199 -4.83 -5.73 -7.79
CA ALA A 199 -4.43 -4.33 -7.95
C ALA A 199 -2.93 -4.15 -7.89
N ARG A 200 -2.20 -5.25 -7.62
CA ARG A 200 -0.75 -5.25 -7.50
C ARG A 200 -0.03 -4.76 -8.77
N ASP A 201 0.83 -3.76 -8.62
CA ASP A 201 1.61 -3.27 -9.75
C ASP A 201 2.85 -2.53 -9.28
N MET A 202 3.69 -2.12 -10.23
CA MET A 202 4.77 -1.19 -9.96
C MET A 202 4.33 0.18 -10.46
N TYR A 203 3.74 0.97 -9.57
CA TYR A 203 3.16 2.26 -9.97
C TYR A 203 4.15 3.42 -10.07
N ASP A 204 5.37 3.22 -9.59
CA ASP A 204 6.48 4.17 -9.80
C ASP A 204 7.78 3.37 -9.86
N LYS A 205 8.23 3.07 -11.08
CA LYS A 205 9.34 2.14 -11.30
C LYS A 205 10.67 2.66 -10.78
N GLU A 206 10.70 3.95 -10.50
CA GLU A 206 11.89 4.60 -9.97
C GLU A 206 12.44 3.92 -8.71
N TYR A 207 11.54 3.30 -7.93
CA TYR A 207 11.92 2.83 -6.61
C TYR A 207 12.08 1.31 -6.48
N TYR A 208 12.35 0.64 -7.61
CA TYR A 208 12.56 -0.80 -7.59
C TYR A 208 13.87 -1.15 -8.30
N SER A 209 14.75 -1.87 -7.60
CA SER A 209 16.07 -2.21 -8.13
C SER A 209 16.21 -3.72 -8.27
N VAL A 210 16.90 -4.17 -9.32
CA VAL A 210 17.02 -5.60 -9.57
C VAL A 210 18.18 -6.26 -8.82
N HIS A 211 17.93 -7.43 -8.24
CA HIS A 211 18.96 -8.16 -7.50
C HIS A 211 19.80 -9.00 -8.47
N ASN A 212 21.01 -9.35 -8.03
CA ASN A 212 21.95 -10.12 -8.85
C ASN A 212 21.58 -11.60 -8.98
N LYS A 213 21.70 -12.33 -7.88
CA LYS A 213 21.44 -13.77 -7.84
C LYS A 213 20.05 -14.12 -8.38
N THR A 214 19.09 -13.22 -8.17
CA THR A 214 17.74 -13.43 -8.65
C THR A 214 17.41 -12.39 -9.72
N GLY A 215 16.16 -12.33 -10.16
CA GLY A 215 15.78 -11.33 -11.15
C GLY A 215 14.93 -10.23 -10.56
N ALA A 216 14.61 -10.36 -9.28
CA ALA A 216 13.60 -9.54 -8.62
C ALA A 216 13.91 -8.03 -8.62
N LYS A 217 12.92 -7.24 -9.02
CA LYS A 217 12.98 -5.80 -8.85
C LYS A 217 12.29 -5.46 -7.53
N LEU A 218 13.06 -4.99 -6.56
CA LEU A 218 12.55 -4.84 -5.20
C LEU A 218 12.62 -3.41 -4.69
N PRO A 219 11.65 -3.02 -3.83
CA PRO A 219 11.62 -1.64 -3.29
C PRO A 219 12.60 -1.49 -2.15
N VAL A 220 13.88 -1.49 -2.46
CA VAL A 220 14.91 -1.69 -1.43
C VAL A 220 14.93 -0.64 -0.33
N LYS A 221 14.51 0.58 -0.64
CA LYS A 221 14.54 1.66 0.34
C LYS A 221 13.44 1.50 1.40
N TRP A 222 12.50 0.57 1.16
CA TRP A 222 11.41 0.28 2.10
C TRP A 222 11.57 -1.08 2.80
N MET A 223 12.60 -1.84 2.41
CA MET A 223 12.74 -3.22 2.89
C MET A 223 13.50 -3.34 4.19
N ALA A 224 13.13 -4.32 5.00
CA ALA A 224 13.87 -4.61 6.23
C ALA A 224 15.21 -5.24 5.91
N LEU A 225 16.14 -5.12 6.86
CA LEU A 225 17.48 -5.69 6.74
C LEU A 225 17.43 -7.16 6.32
N GLU A 226 16.63 -7.95 7.01
CA GLU A 226 16.54 -9.38 6.73
C GLU A 226 15.99 -9.68 5.34
N SER A 227 15.08 -8.85 4.84
CA SER A 227 14.51 -9.02 3.51
C SER A 227 15.51 -8.68 2.42
N LEU A 228 16.34 -7.68 2.67
CA LEU A 228 17.43 -7.33 1.76
C LEU A 228 18.40 -8.51 1.64
N GLN A 229 18.50 -9.30 2.70
CA GLN A 229 19.48 -10.38 2.75
C GLN A 229 18.94 -11.72 2.26
N THR A 230 17.65 -11.97 2.48
CA THR A 230 17.06 -13.27 2.16
C THR A 230 15.99 -13.19 1.08
N GLN A 231 15.54 -11.96 0.80
CA GLN A 231 14.40 -11.73 -0.09
C GLN A 231 13.12 -12.44 0.35
N LYS A 232 13.00 -12.71 1.65
CA LYS A 232 11.75 -13.20 2.23
C LYS A 232 11.05 -12.05 2.97
N PHE A 233 9.72 -12.07 2.98
CA PHE A 233 8.95 -10.97 3.55
C PHE A 233 7.97 -11.50 4.59
N THR A 234 7.77 -10.73 5.66
CA THR A 234 6.85 -11.12 6.71
C THR A 234 6.04 -9.90 7.17
N THR A 235 5.10 -10.14 8.07
CA THR A 235 4.38 -9.01 8.65
C THR A 235 5.37 -8.09 9.37
N LYS A 236 6.39 -8.66 10.00
CA LYS A 236 7.42 -7.82 10.65
C LYS A 236 8.27 -7.04 9.65
N SER A 237 8.41 -7.51 8.42
CA SER A 237 9.08 -6.71 7.40
C SER A 237 8.12 -5.64 6.85
N ASP A 238 6.81 -5.91 6.89
CA ASP A 238 5.81 -4.88 6.59
C ASP A 238 5.88 -3.77 7.65
N VAL A 239 6.15 -4.14 8.90
CA VAL A 239 6.29 -3.13 9.96
C VAL A 239 7.48 -2.19 9.70
N TRP A 240 8.60 -2.76 9.28
CA TRP A 240 9.73 -1.92 8.86
C TRP A 240 9.30 -0.90 7.80
N SER A 241 8.65 -1.38 6.74
CA SER A 241 8.16 -0.53 5.67
C SER A 241 7.22 0.56 6.16
N PHE A 242 6.40 0.20 7.15
CA PHE A 242 5.49 1.16 7.73
C PHE A 242 6.24 2.31 8.41
N GLY A 243 7.35 1.99 9.07
CA GLY A 243 8.19 3.01 9.67
C GLY A 243 8.67 4.00 8.62
N VAL A 244 9.11 3.47 7.48
CA VAL A 244 9.51 4.32 6.36
C VAL A 244 8.33 5.15 5.86
N LEU A 245 7.15 4.55 5.79
CA LEU A 245 5.97 5.28 5.34
C LEU A 245 5.66 6.45 6.31
N LEU A 246 5.83 6.22 7.61
CA LEU A 246 5.64 7.30 8.59
C LEU A 246 6.60 8.47 8.32
N TRP A 247 7.85 8.14 8.02
CA TRP A 247 8.86 9.13 7.67
C TRP A 247 8.44 9.90 6.40
N GLU A 248 7.94 9.16 5.40
CA GLU A 248 7.43 9.81 4.20
C GLU A 248 6.35 10.81 4.55
N LEU A 249 5.42 10.42 5.42
CA LEU A 249 4.34 11.31 5.81
C LEU A 249 4.87 12.57 6.49
N MET A 250 5.82 12.38 7.40
CA MET A 250 6.27 13.52 8.21
C MET A 250 7.22 14.45 7.46
N THR A 251 7.70 14.01 6.31
CA THR A 251 8.50 14.86 5.43
C THR A 251 7.68 15.36 4.22
N ARG A 252 6.38 15.06 4.23
CA ARG A 252 5.50 15.33 3.10
C ARG A 252 6.02 14.80 1.75
N GLY A 253 6.50 13.56 1.78
CA GLY A 253 6.81 12.84 0.56
C GLY A 253 8.23 12.92 0.06
N ALA A 254 9.17 13.28 0.94
CA ALA A 254 10.60 13.24 0.59
C ALA A 254 10.99 11.81 0.28
N PRO A 255 11.89 11.61 -0.69
CA PRO A 255 12.42 10.27 -0.96
C PRO A 255 13.43 9.86 0.10
N PRO A 256 13.27 8.65 0.65
CA PRO A 256 14.20 8.19 1.68
C PRO A 256 15.60 7.86 1.16
N TYR A 257 16.60 8.22 1.96
CA TYR A 257 18.01 7.93 1.67
C TYR A 257 18.40 8.43 0.27
N PRO A 258 18.27 9.75 0.04
CA PRO A 258 18.48 10.28 -1.31
C PRO A 258 19.88 9.99 -1.83
N ASP A 259 20.92 10.26 -1.02
CA ASP A 259 22.28 10.08 -1.52
C ASP A 259 22.50 8.63 -1.94
N VAL A 260 22.12 7.71 -1.06
CA VAL A 260 22.42 6.28 -1.20
C VAL A 260 22.00 5.73 -2.54
N ASN A 261 22.95 5.07 -3.21
CA ASN A 261 22.67 4.27 -4.41
C ASN A 261 22.17 2.89 -4.00
N THR A 262 21.04 2.53 -4.59
CA THR A 262 20.03 1.65 -3.99
C THR A 262 20.42 0.31 -3.30
N PHE A 263 20.83 -0.72 -4.04
CA PHE A 263 21.02 -2.03 -3.37
C PHE A 263 22.15 -2.11 -2.31
N ASP A 264 22.97 -1.07 -2.22
CA ASP A 264 23.96 -0.99 -1.16
C ASP A 264 23.39 -0.29 0.09
N ILE A 265 22.06 -0.18 0.13
CA ILE A 265 21.38 0.32 1.31
C ILE A 265 21.73 -0.57 2.49
N THR A 266 22.02 -1.85 2.22
CA THR A 266 22.37 -2.77 3.28
C THR A 266 23.61 -2.30 4.05
N VAL A 267 24.67 -1.99 3.30
CA VAL A 267 25.91 -1.50 3.89
C VAL A 267 25.68 -0.21 4.68
N TYR A 268 24.86 0.67 4.12
CA TYR A 268 24.49 1.94 4.76
C TYR A 268 23.86 1.71 6.14
N LEU A 269 22.80 0.92 6.15
CA LEU A 269 22.14 0.58 7.41
C LEU A 269 23.08 -0.12 8.37
N LEU A 270 23.88 -1.05 7.87
CA LEU A 270 24.77 -1.82 8.74
C LEU A 270 25.91 -0.95 9.32
N GLN A 271 26.07 0.28 8.82
CA GLN A 271 26.98 1.24 9.47
C GLN A 271 26.48 1.79 10.81
N GLY A 272 25.22 1.50 11.13
CA GLY A 272 24.64 2.01 12.37
C GLY A 272 23.74 3.19 12.07
N ARG A 273 23.08 3.14 10.92
CA ARG A 273 22.27 4.25 10.44
C ARG A 273 20.76 4.00 10.30
N ARG A 274 20.00 5.08 10.44
CA ARG A 274 18.54 5.09 10.22
C ARG A 274 18.19 6.46 9.64
N LEU A 275 17.05 6.55 8.95
CA LEU A 275 16.50 7.84 8.52
C LEU A 275 16.45 8.81 9.71
N LEU A 276 16.70 10.09 9.44
CA LEU A 276 16.78 11.11 10.49
C LEU A 276 15.39 11.57 10.88
N GLN A 277 15.27 12.13 12.08
CA GLN A 277 13.96 12.61 12.53
C GLN A 277 13.51 13.84 11.75
N PRO A 278 12.33 13.79 11.09
CA PRO A 278 11.86 14.96 10.35
C PRO A 278 11.60 16.14 11.27
N GLU A 279 11.77 17.36 10.76
CA GLU A 279 11.60 18.56 11.57
C GLU A 279 10.28 18.60 12.35
N TYR A 280 9.17 18.28 11.71
CA TYR A 280 7.90 18.38 12.41
C TYR A 280 7.37 17.08 12.99
N CYS A 281 8.21 16.05 13.00
CA CYS A 281 7.86 14.78 13.61
C CYS A 281 7.97 14.83 15.13
N PRO A 282 6.85 14.52 15.83
CA PRO A 282 6.94 14.52 17.29
C PRO A 282 7.93 13.47 17.78
N ASP A 283 8.63 13.74 18.88
CA ASP A 283 9.60 12.80 19.43
C ASP A 283 9.05 11.37 19.63
N PRO A 284 7.84 11.22 20.21
CA PRO A 284 7.33 9.85 20.35
C PRO A 284 7.06 9.14 19.04
N LEU A 285 6.70 9.89 17.99
CA LEU A 285 6.48 9.24 16.72
C LEU A 285 7.81 8.80 16.09
N TYR A 286 8.88 9.54 16.35
CA TYR A 286 10.18 9.07 15.87
C TYR A 286 10.62 7.84 16.67
N GLU A 287 10.28 7.79 17.96
CA GLU A 287 10.59 6.59 18.75
C GLU A 287 9.85 5.38 18.17
N VAL A 288 8.61 5.59 17.74
CA VAL A 288 7.87 4.53 17.04
C VAL A 288 8.57 4.07 15.76
N MET A 289 9.05 5.03 14.96
CA MET A 289 9.78 4.69 13.74
C MET A 289 11.00 3.81 14.05
N LEU A 290 11.76 4.19 15.06
CA LEU A 290 12.98 3.46 15.43
C LEU A 290 12.62 2.04 15.87
N LYS A 291 11.49 1.91 16.56
CA LYS A 291 10.98 0.58 16.93
C LYS A 291 10.64 -0.26 15.71
N CYS A 292 10.03 0.37 14.71
CA CYS A 292 9.68 -0.32 13.46
C CYS A 292 10.92 -0.83 12.75
N TRP A 293 12.04 -0.17 12.99
CA TRP A 293 13.32 -0.56 12.35
C TRP A 293 14.26 -1.33 13.29
N HIS A 294 13.70 -1.96 14.33
CA HIS A 294 14.49 -2.80 15.23
C HIS A 294 15.26 -3.86 14.42
N PRO A 295 16.55 -4.06 14.74
CA PRO A 295 17.39 -5.05 14.04
C PRO A 295 16.79 -6.46 14.09
N LYS A 296 16.20 -6.82 15.22
CA LYS A 296 15.53 -8.11 15.36
C LYS A 296 14.06 -8.00 14.99
N ALA A 297 13.66 -8.67 13.91
CA ALA A 297 12.28 -8.60 13.44
C ALA A 297 11.24 -8.89 14.51
N GLU A 298 11.49 -9.89 15.36
CA GLU A 298 10.54 -10.25 16.41
C GLU A 298 10.37 -9.22 17.50
N MET A 299 11.28 -8.26 17.58
CA MET A 299 11.20 -7.20 18.59
C MET A 299 10.46 -5.96 18.06
N ARG A 300 10.15 -5.92 16.76
CA ARG A 300 9.34 -4.81 16.22
C ARG A 300 7.92 -4.89 16.75
N PRO A 301 7.23 -3.73 16.86
CA PRO A 301 5.86 -3.75 17.36
C PRO A 301 4.92 -4.41 16.37
N SER A 302 3.84 -5.03 16.85
CA SER A 302 2.77 -5.46 15.96
C SER A 302 2.01 -4.23 15.45
N PHE A 303 1.23 -4.44 14.40
CA PHE A 303 0.41 -3.36 13.89
C PHE A 303 -0.67 -3.01 14.89
N SER A 304 -1.06 -3.98 15.72
CA SER A 304 -1.97 -3.67 16.82
C SER A 304 -1.36 -2.65 17.79
N GLU A 305 -0.11 -2.89 18.16
CA GLU A 305 0.60 -1.98 19.06
C GLU A 305 0.79 -0.62 18.40
N LEU A 306 1.03 -0.63 17.10
CA LEU A 306 1.25 0.61 16.35
C LEU A 306 -0.02 1.46 16.30
N VAL A 307 -1.16 0.82 16.05
CA VAL A 307 -2.44 1.54 16.11
C VAL A 307 -2.62 2.18 17.50
N SER A 308 -2.36 1.40 18.53
CA SER A 308 -2.48 1.88 19.90
C SER A 308 -1.56 3.06 20.19
N ARG A 309 -0.28 2.93 19.85
CA ARG A 309 0.68 4.00 20.15
C ARG A 309 0.40 5.26 19.36
N ILE A 310 0.10 5.10 18.08
CA ILE A 310 -0.16 6.23 17.19
C ILE A 310 -1.50 6.91 17.53
N SER A 311 -2.50 6.14 17.94
CA SER A 311 -3.75 6.78 18.35
CA SER A 311 -3.77 6.73 18.40
C SER A 311 -3.53 7.69 19.55
N ALA A 312 -2.67 7.28 20.49
CA ALA A 312 -2.38 8.11 21.66
C ALA A 312 -1.68 9.41 21.23
N ILE A 313 -0.66 9.29 20.39
CA ILE A 313 0.06 10.49 19.91
C ILE A 313 -0.87 11.43 19.15
N PHE A 314 -1.67 10.87 18.24
CA PHE A 314 -2.64 11.63 17.47
C PHE A 314 -3.55 12.40 18.40
N SER A 315 -3.95 11.76 19.48
CA SER A 315 -4.93 12.36 20.38
C SER A 315 -4.43 13.61 21.11
N THR A 316 -3.11 13.82 21.16
CA THR A 316 -2.56 14.95 21.90
C THR A 316 -2.63 16.23 21.07
N PHE A 317 -2.95 16.11 19.78
CA PHE A 317 -3.05 17.27 18.90
C PHE A 317 -4.46 17.87 18.87
N ILE A 318 -4.54 19.18 18.90
CA ILE A 318 -5.82 19.89 18.80
C ILE A 318 -6.29 20.01 17.35
CAA 6TD B . -8.39 6.76 -9.43
OAP 6TD B . -8.69 5.63 -8.68
CAS 6TD B . -7.86 4.54 -8.77
CAG 6TD B . -8.18 3.40 -8.05
CAE 6TD B . -7.36 2.29 -8.12
CAF 6TD B . -6.72 4.58 -9.55
CAD 6TD B . -5.89 3.46 -9.62
CAR 6TD B . -6.21 2.31 -8.91
CAK 6TD B . -5.35 1.10 -8.97
CAU 6TD B . -4.53 0.95 -7.73
NAL 6TD B . -4.68 0.08 -6.75
NAM 6TD B . -3.73 0.28 -5.84
CAY 6TD B . -2.94 1.29 -6.22
SAQ 6TD B . -1.57 2.30 -5.86
NAZ 6TD B . -3.41 1.74 -7.41
NAN 6TD B . -2.76 2.79 -8.01
CAV 6TD B . -1.73 3.27 -7.32
CAT 6TD B . -0.84 4.35 -7.76
CAJ 6TD B . -0.97 5.08 -8.94
CAW 6TD B . 0.17 5.97 -8.97
CAH 6TD B . 0.59 6.96 -9.88
CAB 6TD B . 1.77 7.67 -9.62
CAC 6TD B . 2.53 7.40 -8.47
CAI 6TD B . 2.11 6.42 -7.58
CAX 6TD B . 0.91 5.70 -7.84
NAO 6TD B . 0.29 4.71 -7.14
#